data_7PJ5
#
_entry.id   7PJ5
#
_cell.length_a   47.679
_cell.length_b   92.358
_cell.length_c   124.300
_cell.angle_alpha   90.000
_cell.angle_beta   90.000
_cell.angle_gamma   90.000
#
_symmetry.space_group_name_H-M   'C 2 2 21'
#
loop_
_entity.id
_entity.type
_entity.pdbx_description
1 polymer 'Putative endo-beta-N-acetylglucosaminidase'
2 branched 2-acetamido-2-deoxy-beta-D-glucopyranose-(1-4)-2-acetamido-2-deoxy-beta-D-glucopyranose-(1-4)-2-acetamido-2-deoxy-beta-D-glucopyranose-(1-4)-2-acetamido-2-deoxy-beta-D-glucopyranose
3 non-polymer 'PENTAETHYLENE GLYCOL'
4 non-polymer DI(HYDROXYETHYL)ETHER
5 non-polymer 'CALCIUM ION'
6 water water
#
_entity_poly.entity_id   1
_entity_poly.type   'polypeptide(L)'
_entity_poly.pdbx_seq_one_letter_code
;NAAYYQVVPVTANVYDSDGEKLSYISQGSVVWLDKDRKSDDKRLAITISGLSGYMKTEDLQALDASKDFIPYYESDGHRF
YHYVAQNASIPVASHLSDMEVGKKYYSADGLHFDGFKLENPFLFKDLTEATNYSAEELDKVFSLLNINNSLLENKGATFK
EAEEHYHINALYLLAHSALESNWGRSKIAKDKNNFFGITAYDTTPYLSAKTFDDVDKGILGATKWIKENYIDRGRTFLGN
KASGMNVEYASDPYWGEKIASVMMKINEKLGGKD
;
_entity_poly.pdbx_strand_id   AAA
#
# COMPACT_ATOMS: atom_id res chain seq x y z
N ALA A 2 18.16 5.53 20.70
CA ALA A 2 16.70 5.68 20.42
C ALA A 2 16.12 4.38 19.86
N ALA A 3 14.85 4.12 20.15
CA ALA A 3 14.15 2.90 19.67
C ALA A 3 13.55 3.16 18.30
N TYR A 4 13.21 4.41 17.99
CA TYR A 4 12.48 4.75 16.74
C TYR A 4 13.19 5.89 16.02
N TYR A 5 13.23 5.79 14.71
CA TYR A 5 13.86 6.84 13.86
C TYR A 5 12.92 7.20 12.72
N GLN A 6 13.01 8.45 12.29
CA GLN A 6 12.20 8.95 11.17
C GLN A 6 13.09 9.28 9.96
N VAL A 7 12.56 8.98 8.79
CA VAL A 7 13.25 9.25 7.51
C VAL A 7 13.22 10.74 7.21
N VAL A 8 14.38 11.31 6.98
CA VAL A 8 14.47 12.79 6.75
C VAL A 8 14.36 13.17 5.26
N PRO A 9 15.07 12.50 4.34
CA PRO A 9 15.01 12.88 2.92
C PRO A 9 13.72 12.41 2.23
N VAL A 10 13.52 12.83 1.00
CA VAL A 10 12.24 12.53 0.27
C VAL A 10 12.06 11.02 0.19
N THR A 11 13.11 10.28 -0.10
CA THR A 11 13.18 8.82 0.10
C THR A 11 14.56 8.46 0.64
N ALA A 12 14.63 7.29 1.27
CA ALA A 12 15.90 6.73 1.77
C ALA A 12 15.89 5.25 1.43
N ASN A 13 17.06 4.72 1.16
CA ASN A 13 17.20 3.30 0.84
C ASN A 13 17.30 2.45 2.11
N VAL A 14 16.90 1.21 1.96
CA VAL A 14 17.13 0.15 2.96
C VAL A 14 18.07 -0.86 2.31
N TYR A 15 19.12 -1.23 3.03
CA TYR A 15 20.20 -2.10 2.52
C TYR A 15 20.26 -3.39 3.32
N ASP A 16 20.86 -4.39 2.73
CA ASP A 16 21.22 -5.61 3.45
C ASP A 16 22.63 -5.47 4.05
N SER A 17 23.13 -6.52 4.68
CA SER A 17 24.41 -6.44 5.43
C SER A 17 25.59 -6.29 4.46
N ASP A 18 25.39 -6.66 3.19
CA ASP A 18 26.39 -6.57 2.09
C ASP A 18 26.41 -5.13 1.55
N GLY A 19 25.48 -4.27 1.97
CA GLY A 19 25.30 -2.93 1.39
C GLY A 19 24.52 -2.94 0.08
N GLU A 20 23.84 -4.02 -0.26
CA GLU A 20 22.97 -4.08 -1.46
C GLU A 20 21.62 -3.44 -1.10
N LYS A 21 21.07 -2.67 -2.01
CA LYS A 21 19.74 -2.03 -1.83
C LYS A 21 18.65 -3.11 -1.87
N LEU A 22 17.78 -3.11 -0.87
CA LEU A 22 16.61 -4.00 -0.76
C LEU A 22 15.34 -3.26 -1.16
N SER A 23 15.22 -2.03 -0.74
CA SER A 23 14.05 -1.22 -1.09
C SER A 23 14.31 0.23 -0.71
N TYR A 24 13.24 1.01 -0.67
CA TYR A 24 13.30 2.46 -0.39
C TYR A 24 12.03 2.83 0.36
N ILE A 25 12.12 3.82 1.21
CA ILE A 25 10.97 4.25 2.01
C ILE A 25 10.85 5.77 2.01
N SER A 26 9.64 6.25 2.26
CA SER A 26 9.26 7.66 2.14
C SER A 26 9.72 8.52 3.35
N GLN A 27 10.00 9.79 3.09
N GLN A 27 9.96 9.79 3.09
CA GLN A 27 10.10 10.87 4.10
CA GLN A 27 10.09 10.86 4.10
C GLN A 27 8.99 10.71 5.15
C GLN A 27 8.98 10.72 5.15
N GLY A 28 9.37 10.81 6.41
CA GLY A 28 8.42 10.74 7.54
C GLY A 28 8.21 9.34 8.04
N SER A 29 8.57 8.34 7.25
CA SER A 29 8.41 6.93 7.68
C SER A 29 9.19 6.70 8.98
N VAL A 30 8.57 5.96 9.88
CA VAL A 30 9.16 5.62 11.20
C VAL A 30 9.64 4.17 11.15
N VAL A 31 10.92 3.99 11.44
CA VAL A 31 11.54 2.66 11.47
C VAL A 31 11.89 2.33 12.92
N TRP A 32 11.92 1.03 13.21
N TRP A 32 11.92 1.03 13.20
CA TRP A 32 12.20 0.48 14.55
CA TRP A 32 12.23 0.52 14.55
C TRP A 32 13.65 0.03 14.59
C TRP A 32 13.68 0.07 14.56
N LEU A 33 14.43 0.45 15.59
CA LEU A 33 15.76 -0.14 15.80
C LEU A 33 15.61 -1.63 16.12
N ASP A 34 16.36 -2.47 15.42
CA ASP A 34 16.39 -3.95 15.66
C ASP A 34 17.54 -4.26 16.63
N LYS A 35 17.20 -4.58 17.87
CA LYS A 35 18.24 -4.81 18.92
C LYS A 35 18.88 -6.18 18.80
N ASP A 36 18.44 -7.01 17.86
CA ASP A 36 19.05 -8.35 17.71
C ASP A 36 20.18 -8.36 16.68
N ARG A 37 20.46 -7.22 16.04
CA ARG A 37 21.49 -7.10 15.00
C ARG A 37 22.36 -5.91 15.40
N LYS A 38 23.60 -5.93 14.94
CA LYS A 38 24.61 -4.91 15.30
C LYS A 38 24.35 -3.64 14.49
N SER A 39 24.22 -2.52 15.18
CA SER A 39 24.26 -1.15 14.62
C SER A 39 25.63 -0.52 14.90
N ASP A 40 26.02 0.45 14.08
CA ASP A 40 27.24 1.23 14.35
C ASP A 40 26.94 2.70 14.10
N ASP A 41 27.98 3.53 14.10
CA ASP A 41 27.86 4.99 13.88
C ASP A 41 27.23 5.29 12.51
N LYS A 42 27.56 4.49 11.49
CA LYS A 42 27.23 4.83 10.08
C LYS A 42 25.91 4.19 9.65
N ARG A 43 25.55 3.03 10.20
CA ARG A 43 24.32 2.34 9.76
C ARG A 43 23.61 1.73 10.97
N LEU A 44 22.29 1.82 10.94
CA LEU A 44 21.42 1.24 11.98
C LEU A 44 20.72 0.02 11.40
N ALA A 45 20.66 -1.04 12.23
CA ALA A 45 19.81 -2.19 11.93
C ALA A 45 18.38 -1.81 12.30
N ILE A 46 17.51 -1.81 11.31
CA ILE A 46 16.12 -1.37 11.49
C ILE A 46 15.15 -2.36 10.87
N THR A 47 13.90 -2.20 11.25
N THR A 47 13.89 -2.22 11.26
CA THR A 47 12.78 -2.96 10.67
CA THR A 47 12.75 -2.97 10.71
C THR A 47 11.66 -1.99 10.29
C THR A 47 11.66 -1.99 10.29
N ILE A 48 11.05 -2.23 9.14
CA ILE A 48 9.91 -1.43 8.65
C ILE A 48 9.10 -2.33 7.72
N SER A 49 7.80 -2.42 7.97
CA SER A 49 6.87 -3.02 6.99
C SER A 49 7.41 -4.37 6.50
N GLY A 50 7.76 -5.24 7.46
CA GLY A 50 8.17 -6.60 7.11
C GLY A 50 9.65 -6.74 6.80
N LEU A 51 10.33 -5.63 6.52
CA LEU A 51 11.72 -5.64 6.02
C LEU A 51 12.71 -5.34 7.16
N SER A 52 13.63 -6.27 7.37
CA SER A 52 14.77 -6.11 8.28
C SER A 52 16.03 -5.84 7.49
N GLY A 53 16.61 -4.68 7.70
CA GLY A 53 17.81 -4.32 6.94
C GLY A 53 18.56 -3.24 7.66
N TYR A 54 19.27 -2.44 6.91
CA TYR A 54 20.12 -1.38 7.47
C TYR A 54 19.85 -0.06 6.75
N MET A 55 19.93 1.03 7.49
CA MET A 55 19.78 2.38 6.90
C MET A 55 20.95 3.24 7.35
N LYS A 56 21.29 4.18 6.50
CA LYS A 56 22.36 5.14 6.82
C LYS A 56 21.83 6.09 7.90
N THR A 57 22.64 6.30 8.94
N THR A 57 22.61 6.32 8.96
CA THR A 57 22.35 7.29 10.01
CA THR A 57 22.21 7.31 10.00
C THR A 57 22.09 8.67 9.38
C THR A 57 22.06 8.70 9.38
N GLU A 58 22.78 8.99 8.28
CA GLU A 58 22.61 10.27 7.57
C GLU A 58 21.15 10.49 7.18
N ASP A 59 20.37 9.44 6.96
CA ASP A 59 18.99 9.55 6.43
C ASP A 59 17.97 9.58 7.56
N LEU A 60 18.40 9.48 8.83
CA LEU A 60 17.44 9.27 9.94
C LEU A 60 17.55 10.35 11.01
N GLN A 61 16.43 10.57 11.70
CA GLN A 61 16.39 11.41 12.93
C GLN A 61 15.78 10.55 14.06
N ALA A 62 16.45 10.50 15.20
CA ALA A 62 15.89 9.83 16.40
C ALA A 62 14.60 10.51 16.86
N LEU A 63 13.64 9.71 17.26
CA LEU A 63 12.38 10.20 17.85
C LEU A 63 12.35 9.84 19.34
N ASP A 64 11.51 10.58 20.06
CA ASP A 64 11.12 10.30 21.47
C ASP A 64 9.64 9.92 21.41
N ALA A 65 9.31 8.66 21.68
CA ALA A 65 7.96 8.07 21.49
C ALA A 65 6.93 8.71 22.40
N SER A 66 7.35 9.49 23.40
CA SER A 66 6.41 10.13 24.35
C SER A 66 6.04 11.52 23.84
N LYS A 67 6.69 12.03 22.80
CA LYS A 67 6.26 13.33 22.23
C LYS A 67 6.14 13.28 20.72
N ASP A 68 6.88 12.43 20.02
CA ASP A 68 6.77 12.26 18.55
C ASP A 68 5.77 11.15 18.20
N PHE A 69 5.04 11.33 17.11
CA PHE A 69 4.09 10.30 16.59
C PHE A 69 4.87 9.05 16.19
N ILE A 70 4.45 7.90 16.73
CA ILE A 70 4.91 6.55 16.34
C ILE A 70 3.68 5.82 15.81
N PRO A 71 3.67 5.27 14.57
CA PRO A 71 2.54 4.50 14.09
C PRO A 71 2.16 3.36 15.03
N TYR A 72 0.86 3.15 15.15
CA TYR A 72 0.30 2.13 16.05
C TYR A 72 -1.01 1.61 15.44
N TYR A 73 -1.54 0.59 16.11
CA TYR A 73 -2.76 -0.10 15.68
C TYR A 73 -3.71 -0.04 16.86
N GLU A 74 -5.00 0.05 16.55
CA GLU A 74 -6.02 0.16 17.61
C GLU A 74 -7.35 -0.39 17.10
N SER A 75 -8.04 -1.13 17.97
CA SER A 75 -9.40 -1.66 17.70
C SER A 75 -10.48 -0.73 18.27
N ASP A 76 -11.56 -0.56 17.50
CA ASP A 76 -12.78 0.11 18.02
C ASP A 76 -13.78 -0.95 18.47
N GLY A 77 -13.41 -2.23 18.46
CA GLY A 77 -14.32 -3.32 18.83
C GLY A 77 -15.01 -3.96 17.65
N HIS A 78 -14.76 -3.44 16.44
CA HIS A 78 -15.35 -3.94 15.18
C HIS A 78 -14.23 -4.18 14.18
N ARG A 79 -13.41 -3.16 13.97
CA ARG A 79 -12.24 -3.29 13.06
C ARG A 79 -10.99 -2.84 13.78
N PHE A 80 -9.87 -3.34 13.31
CA PHE A 80 -8.51 -2.98 13.76
C PHE A 80 -7.89 -2.01 12.76
N TYR A 81 -7.50 -0.85 13.25
CA TYR A 81 -7.04 0.29 12.43
C TYR A 81 -5.55 0.47 12.61
N HIS A 82 -4.86 0.74 11.49
CA HIS A 82 -3.46 1.20 11.52
C HIS A 82 -3.43 2.72 11.41
N TYR A 83 -2.93 3.39 12.44
CA TYR A 83 -2.61 4.84 12.36
C TYR A 83 -1.27 5.00 11.66
N VAL A 84 -1.34 5.22 10.34
CA VAL A 84 -0.15 5.38 9.46
C VAL A 84 0.39 6.79 9.56
N ALA A 85 -0.45 7.73 10.04
CA ALA A 85 -0.06 9.10 10.40
C ALA A 85 -0.90 9.53 11.59
N GLN A 86 -0.45 10.57 12.25
CA GLN A 86 -1.08 11.00 13.50
C GLN A 86 -2.58 11.22 13.26
N ASN A 87 -2.92 11.70 12.07
CA ASN A 87 -4.32 12.09 11.81
C ASN A 87 -4.96 11.18 10.74
N ALA A 88 -4.47 9.96 10.53
CA ALA A 88 -5.00 9.12 9.44
C ALA A 88 -4.87 7.64 9.80
N SER A 89 -5.99 6.95 9.75
CA SER A 89 -6.07 5.51 10.04
C SER A 89 -6.73 4.76 8.87
N ILE A 90 -6.34 3.49 8.74
CA ILE A 90 -6.99 2.60 7.74
C ILE A 90 -7.39 1.31 8.43
N PRO A 91 -8.57 0.78 8.10
CA PRO A 91 -9.00 -0.50 8.67
C PRO A 91 -8.19 -1.62 8.00
N VAL A 92 -7.58 -2.50 8.79
CA VAL A 92 -6.73 -3.57 8.21
C VAL A 92 -7.34 -4.94 8.47
N ALA A 93 -8.18 -5.09 9.49
CA ALA A 93 -8.65 -6.42 9.86
C ALA A 93 -9.88 -6.28 10.74
N SER A 94 -10.61 -7.36 10.95
N SER A 94 -10.59 -7.38 10.95
CA SER A 94 -11.70 -7.41 11.94
CA SER A 94 -11.69 -7.46 11.93
C SER A 94 -11.09 -7.44 13.35
C SER A 94 -11.11 -7.48 13.35
N HIS A 95 -11.89 -7.00 14.32
CA HIS A 95 -11.57 -7.09 15.75
C HIS A 95 -11.46 -8.57 16.13
N LEU A 96 -10.46 -8.86 16.95
CA LEU A 96 -10.24 -10.18 17.60
C LEU A 96 -10.49 -10.02 19.11
N SER A 97 -11.03 -11.03 19.77
CA SER A 97 -11.37 -10.93 21.22
C SER A 97 -10.10 -10.66 22.04
N ASP A 98 -8.92 -11.05 21.54
CA ASP A 98 -7.61 -10.79 22.18
C ASP A 98 -7.28 -9.30 22.18
N MET A 99 -7.96 -8.49 21.37
CA MET A 99 -7.64 -7.03 21.29
C MET A 99 -8.45 -6.28 22.35
N GLU A 100 -7.78 -5.49 23.17
CA GLU A 100 -8.44 -4.57 24.14
C GLU A 100 -8.86 -3.32 23.35
N VAL A 101 -10.14 -2.95 23.41
CA VAL A 101 -10.66 -1.76 22.67
C VAL A 101 -9.97 -0.49 23.17
N GLY A 102 -9.43 0.31 22.25
CA GLY A 102 -8.82 1.62 22.56
C GLY A 102 -7.43 1.49 23.17
N LYS A 103 -6.81 0.32 23.12
CA LYS A 103 -5.40 0.15 23.54
C LYS A 103 -4.52 0.27 22.28
N LYS A 104 -3.44 1.02 22.36
CA LYS A 104 -2.49 1.16 21.23
C LYS A 104 -1.58 -0.06 21.23
N TYR A 105 -1.44 -0.71 20.07
CA TYR A 105 -0.59 -1.89 19.84
C TYR A 105 0.46 -1.53 18.80
N TYR A 106 1.65 -2.09 18.93
CA TYR A 106 2.81 -1.75 18.07
C TYR A 106 3.28 -3.02 17.36
N SER A 107 3.61 -2.92 16.05
CA SER A 107 4.06 -4.04 15.18
C SER A 107 4.87 -3.56 13.96
N ALA A 108 5.96 -4.29 13.67
CA ALA A 108 6.91 -4.01 12.58
C ALA A 108 6.41 -4.57 11.25
N ASP A 109 5.26 -5.22 11.19
CA ASP A 109 4.82 -5.89 9.92
C ASP A 109 3.28 -5.88 9.80
N GLY A 110 2.55 -5.59 10.89
CA GLY A 110 1.08 -5.51 10.85
C GLY A 110 0.42 -6.87 10.89
N LEU A 111 1.20 -7.92 11.13
CA LEU A 111 0.70 -9.31 11.18
C LEU A 111 0.97 -9.88 12.58
N HIS A 112 2.19 -9.68 13.10
CA HIS A 112 2.64 -10.23 14.40
C HIS A 112 2.51 -9.17 15.50
N PHE A 113 1.67 -9.47 16.47
CA PHE A 113 1.53 -8.68 17.71
C PHE A 113 1.83 -9.63 18.87
N ASP A 114 2.04 -9.05 20.03
CA ASP A 114 2.53 -9.82 21.21
C ASP A 114 1.51 -10.90 21.65
N GLY A 115 0.21 -10.56 21.62
CA GLY A 115 -0.92 -11.39 22.08
C GLY A 115 -1.85 -11.91 20.98
N PHE A 116 -1.59 -11.63 19.71
CA PHE A 116 -2.45 -12.10 18.61
C PHE A 116 -1.71 -11.98 17.30
N LYS A 117 -2.26 -12.67 16.31
CA LYS A 117 -1.71 -12.78 14.96
C LYS A 117 -2.78 -12.33 13.97
N LEU A 118 -2.39 -11.47 13.06
CA LEU A 118 -3.29 -10.94 12.02
C LEU A 118 -3.10 -11.73 10.74
N GLU A 119 -4.25 -12.12 10.18
CA GLU A 119 -4.44 -12.41 8.76
C GLU A 119 -4.83 -11.09 8.09
N ASN A 120 -4.01 -10.70 7.12
CA ASN A 120 -4.32 -9.69 6.07
C ASN A 120 -4.34 -10.40 4.72
N PRO A 121 -5.39 -11.21 4.47
CA PRO A 121 -5.41 -12.03 3.27
C PRO A 121 -5.34 -11.20 1.99
N PHE A 122 -5.99 -10.00 1.91
CA PHE A 122 -5.86 -9.26 0.63
C PHE A 122 -4.43 -8.76 0.45
N LEU A 123 -3.67 -8.57 1.52
CA LEU A 123 -2.29 -8.06 1.35
C LEU A 123 -1.42 -9.10 0.62
N PHE A 124 -1.71 -10.38 0.75
CA PHE A 124 -0.88 -11.46 0.18
C PHE A 124 -1.63 -12.26 -0.90
N LYS A 125 -2.85 -11.84 -1.27
CA LYS A 125 -3.68 -12.53 -2.28
C LYS A 125 -2.97 -12.46 -3.65
N ASP A 126 -2.90 -13.58 -4.33
CA ASP A 126 -2.38 -13.71 -5.70
C ASP A 126 -3.31 -12.90 -6.61
N LEU A 127 -2.75 -11.85 -7.21
CA LEU A 127 -3.53 -10.88 -7.99
C LEU A 127 -3.82 -11.43 -9.37
N THR A 128 -3.38 -12.66 -9.68
CA THR A 128 -3.76 -13.24 -11.00
C THR A 128 -5.07 -14.03 -10.90
N GLU A 129 -5.66 -14.18 -9.72
CA GLU A 129 -6.95 -14.88 -9.54
C GLU A 129 -8.06 -13.83 -9.70
N ALA A 130 -9.08 -14.12 -10.51
CA ALA A 130 -10.15 -13.14 -10.78
C ALA A 130 -10.99 -12.92 -9.53
N THR A 131 -11.60 -11.75 -9.42
CA THR A 131 -12.64 -11.45 -8.41
C THR A 131 -13.93 -12.18 -8.78
N ASN A 132 -14.69 -12.49 -7.73
CA ASN A 132 -16.06 -13.05 -7.85
C ASN A 132 -17.09 -11.94 -8.06
N TYR A 133 -16.69 -10.68 -8.13
CA TYR A 133 -17.66 -9.57 -8.37
C TYR A 133 -17.84 -9.39 -9.88
N SER A 134 -19.10 -9.18 -10.28
CA SER A 134 -19.45 -8.82 -11.66
C SER A 134 -19.22 -7.32 -11.89
N ALA A 135 -19.26 -6.92 -13.16
CA ALA A 135 -19.15 -5.49 -13.52
C ALA A 135 -20.25 -4.69 -12.80
N GLU A 136 -21.48 -5.16 -12.82
CA GLU A 136 -22.61 -4.44 -12.18
C GLU A 136 -22.40 -4.31 -10.68
N GLU A 137 -21.83 -5.32 -10.01
CA GLU A 137 -21.53 -5.24 -8.56
C GLU A 137 -20.42 -4.23 -8.29
N LEU A 138 -19.33 -4.25 -9.06
CA LEU A 138 -18.30 -3.21 -8.89
C LEU A 138 -18.93 -1.82 -9.05
N ASP A 139 -19.82 -1.65 -10.02
CA ASP A 139 -20.41 -0.31 -10.29
C ASP A 139 -21.23 0.16 -9.08
N LYS A 140 -21.74 -0.74 -8.27
CA LYS A 140 -22.54 -0.38 -7.08
C LYS A 140 -21.67 0.25 -6.00
N VAL A 141 -20.36 0.01 -6.00
CA VAL A 141 -19.50 0.43 -4.86
C VAL A 141 -19.52 1.96 -4.71
N PHE A 142 -19.68 2.70 -5.81
CA PHE A 142 -19.59 4.17 -5.82
C PHE A 142 -20.70 4.74 -4.93
N SER A 143 -21.93 4.27 -5.08
CA SER A 143 -23.07 4.69 -4.22
C SER A 143 -22.86 4.19 -2.77
N LEU A 144 -22.38 2.95 -2.58
CA LEU A 144 -22.27 2.34 -1.23
C LEU A 144 -21.18 3.02 -0.39
N LEU A 145 -20.17 3.59 -1.04
CA LEU A 145 -19.05 4.26 -0.31
C LEU A 145 -19.13 5.77 -0.49
N ASN A 146 -20.23 6.27 -1.05
CA ASN A 146 -20.46 7.73 -1.28
C ASN A 146 -19.26 8.33 -2.03
N ILE A 147 -18.91 7.74 -3.16
CA ILE A 147 -17.83 8.24 -4.05
C ILE A 147 -18.51 9.04 -5.15
N ASN A 148 -18.38 10.36 -5.09
CA ASN A 148 -18.99 11.28 -6.06
C ASN A 148 -17.96 11.77 -7.08
N ASN A 149 -18.40 11.97 -8.32
CA ASN A 149 -17.61 12.68 -9.36
C ASN A 149 -16.36 11.85 -9.75
N SER A 150 -16.40 10.54 -9.63
CA SER A 150 -15.29 9.66 -10.05
C SER A 150 -15.34 9.41 -11.55
N LEU A 151 -14.20 9.50 -12.24
CA LEU A 151 -14.09 9.06 -13.66
C LEU A 151 -14.25 7.55 -13.80
N LEU A 152 -14.23 6.81 -12.69
CA LEU A 152 -14.30 5.32 -12.75
C LEU A 152 -15.74 4.87 -12.53
N GLU A 153 -16.67 5.81 -12.30
CA GLU A 153 -18.10 5.44 -12.15
C GLU A 153 -18.53 4.72 -13.43
N ASN A 154 -19.28 3.62 -13.28
CA ASN A 154 -19.83 2.87 -14.43
C ASN A 154 -18.72 2.32 -15.33
N LYS A 155 -17.52 2.06 -14.77
CA LYS A 155 -16.46 1.41 -15.55
C LYS A 155 -16.24 -0.02 -15.09
N GLY A 156 -17.17 -0.60 -14.31
CA GLY A 156 -17.00 -2.00 -13.89
C GLY A 156 -16.75 -2.93 -15.09
N ALA A 157 -17.45 -2.72 -16.19
CA ALA A 157 -17.30 -3.56 -17.38
C ALA A 157 -15.87 -3.48 -17.93
N THR A 158 -15.26 -2.29 -17.88
CA THR A 158 -13.86 -2.13 -18.32
C THR A 158 -12.88 -2.79 -17.35
N PHE A 159 -13.10 -2.67 -16.04
CA PHE A 159 -12.26 -3.43 -15.06
C PHE A 159 -12.39 -4.92 -15.32
N LYS A 160 -13.60 -5.45 -15.58
CA LYS A 160 -13.73 -6.92 -15.81
C LYS A 160 -13.14 -7.33 -17.17
N GLU A 161 -13.20 -6.48 -18.19
CA GLU A 161 -12.50 -6.72 -19.47
C GLU A 161 -10.99 -6.79 -19.23
N ALA A 162 -10.44 -5.86 -18.46
CA ALA A 162 -9.00 -5.83 -18.16
C ALA A 162 -8.61 -7.13 -17.44
N GLU A 163 -9.44 -7.56 -16.49
CA GLU A 163 -9.22 -8.83 -15.76
C GLU A 163 -9.24 -10.00 -16.73
N GLU A 164 -10.23 -10.07 -17.60
CA GLU A 164 -10.37 -11.22 -18.55
C GLU A 164 -9.12 -11.30 -19.45
N HIS A 165 -8.71 -10.16 -20.01
CA HIS A 165 -7.66 -10.09 -21.04
C HIS A 165 -6.27 -10.27 -20.43
N TYR A 166 -5.98 -9.61 -19.29
CA TYR A 166 -4.61 -9.57 -18.71
C TYR A 166 -4.42 -10.52 -17.51
N HIS A 167 -5.51 -11.11 -17.01
CA HIS A 167 -5.50 -12.08 -15.90
C HIS A 167 -5.01 -11.36 -14.63
N ILE A 168 -5.62 -10.20 -14.33
CA ILE A 168 -5.33 -9.41 -13.12
C ILE A 168 -6.66 -9.09 -12.44
N ASN A 169 -6.73 -9.36 -11.16
CA ASN A 169 -7.96 -9.25 -10.34
C ASN A 169 -8.57 -7.86 -10.45
N ALA A 170 -9.84 -7.79 -10.85
CA ALA A 170 -10.52 -6.49 -11.05
C ALA A 170 -10.81 -5.76 -9.73
N LEU A 171 -11.02 -6.49 -8.65
CA LEU A 171 -11.24 -5.82 -7.35
C LEU A 171 -9.96 -5.07 -6.95
N TYR A 172 -8.82 -5.74 -7.14
CA TYR A 172 -7.48 -5.13 -6.94
C TYR A 172 -7.34 -3.92 -7.86
N LEU A 173 -7.70 -4.05 -9.13
CA LEU A 173 -7.54 -2.90 -10.06
C LEU A 173 -8.38 -1.71 -9.57
N LEU A 174 -9.61 -1.96 -9.15
CA LEU A 174 -10.46 -0.86 -8.66
C LEU A 174 -9.84 -0.27 -7.38
N ALA A 175 -9.41 -1.10 -6.43
CA ALA A 175 -8.87 -0.62 -5.16
C ALA A 175 -7.57 0.15 -5.37
N HIS A 176 -6.73 -0.32 -6.29
CA HIS A 176 -5.44 0.35 -6.55
C HIS A 176 -5.70 1.72 -7.17
N SER A 177 -6.59 1.78 -8.17
CA SER A 177 -6.94 3.07 -8.79
C SER A 177 -7.61 3.97 -7.75
N ALA A 178 -8.41 3.41 -6.83
CA ALA A 178 -9.04 4.25 -5.79
C ALA A 178 -7.96 4.90 -4.92
N LEU A 179 -6.99 4.11 -4.45
CA LEU A 179 -5.97 4.65 -3.54
C LEU A 179 -5.04 5.60 -4.31
N GLU A 180 -4.62 5.21 -5.50
CA GLU A 180 -3.53 5.95 -6.18
C GLU A 180 -4.02 7.30 -6.70
N SER A 181 -5.27 7.36 -7.11
CA SER A 181 -5.80 8.55 -7.86
C SER A 181 -6.99 9.20 -7.16
N ASN A 182 -7.22 8.87 -5.90
CA ASN A 182 -8.44 9.36 -5.18
C ASN A 182 -9.67 8.98 -6.01
N TRP A 183 -9.83 7.72 -6.34
CA TRP A 183 -11.02 7.25 -7.10
C TRP A 183 -11.11 7.99 -8.43
N GLY A 184 -9.99 8.20 -9.10
CA GLY A 184 -10.06 8.83 -10.43
C GLY A 184 -10.54 10.27 -10.31
N ARG A 185 -10.06 10.96 -9.28
CA ARG A 185 -10.40 12.39 -9.05
C ARG A 185 -9.17 13.26 -8.85
N SER A 186 -7.98 12.69 -8.94
CA SER A 186 -6.74 13.48 -8.83
C SER A 186 -6.53 14.26 -10.14
N LYS A 187 -5.64 15.24 -10.10
CA LYS A 187 -5.41 16.07 -11.30
C LYS A 187 -4.88 15.20 -12.44
N ILE A 188 -3.99 14.26 -12.14
CA ILE A 188 -3.41 13.32 -13.14
C ILE A 188 -4.50 12.38 -13.67
N ALA A 189 -5.43 11.93 -12.82
CA ALA A 189 -6.57 11.12 -13.32
C ALA A 189 -7.34 11.91 -14.38
N LYS A 190 -7.64 13.16 -14.10
CA LYS A 190 -8.52 13.96 -14.97
C LYS A 190 -7.78 14.44 -16.23
N ASP A 191 -6.55 14.89 -16.06
CA ASP A 191 -5.77 15.44 -17.19
C ASP A 191 -5.43 14.29 -18.15
N LYS A 192 -5.10 13.14 -17.60
CA LYS A 192 -4.31 12.15 -18.39
C LYS A 192 -4.92 10.76 -18.33
N ASN A 193 -6.10 10.61 -17.75
CA ASN A 193 -6.75 9.28 -17.63
C ASN A 193 -5.76 8.29 -17.00
N ASN A 194 -4.98 8.79 -16.07
CA ASN A 194 -3.92 8.00 -15.41
C ASN A 194 -4.33 7.72 -13.96
N PHE A 195 -4.82 6.52 -13.71
CA PHE A 195 -5.47 6.19 -12.41
C PHE A 195 -4.56 5.39 -11.48
N PHE A 196 -3.39 4.98 -11.96
CA PHE A 196 -2.51 4.02 -11.25
C PHE A 196 -1.13 4.64 -11.01
N GLY A 197 -0.97 5.94 -11.31
CA GLY A 197 0.30 6.60 -10.97
C GLY A 197 1.46 6.23 -11.90
N ILE A 198 1.18 5.80 -13.11
CA ILE A 198 2.24 5.34 -14.03
C ILE A 198 2.93 6.56 -14.65
N THR A 199 4.26 6.50 -14.72
CA THR A 199 5.07 7.61 -15.26
C THR A 199 5.72 7.18 -16.55
N ALA A 200 6.11 8.15 -17.38
CA ALA A 200 6.80 7.86 -18.65
C ALA A 200 7.57 9.08 -19.12
N TYR A 201 8.67 8.81 -19.79
CA TYR A 201 9.38 9.84 -20.57
C TYR A 201 8.96 9.46 -21.98
N ASP A 202 8.00 10.16 -22.56
CA ASP A 202 7.63 9.85 -23.96
C ASP A 202 8.71 10.54 -24.80
N THR A 203 9.99 10.23 -24.53
CA THR A 203 11.16 11.06 -24.96
C THR A 203 11.12 12.44 -24.28
N THR A 204 9.95 13.08 -24.15
CA THR A 204 9.75 14.39 -23.46
C THR A 204 10.68 14.44 -22.24
N PRO A 205 11.67 15.36 -22.21
CA PRO A 205 12.77 15.36 -21.22
C PRO A 205 12.51 14.92 -19.77
N TYR A 206 11.45 15.40 -19.15
CA TYR A 206 11.23 15.14 -17.71
C TYR A 206 10.26 13.98 -17.52
N LEU A 207 10.45 13.29 -16.41
CA LEU A 207 9.52 12.21 -16.05
C LEU A 207 8.16 12.85 -15.79
N SER A 208 7.12 12.35 -16.45
CA SER A 208 5.76 12.85 -16.17
C SER A 208 4.80 11.68 -16.09
N ALA A 209 3.64 11.92 -15.49
CA ALA A 209 2.55 10.93 -15.58
C ALA A 209 2.29 10.62 -17.06
N LYS A 210 2.12 9.33 -17.36
CA LYS A 210 1.78 8.83 -18.71
C LYS A 210 0.38 9.32 -19.06
N THR A 211 0.17 9.62 -20.32
CA THR A 211 -1.13 10.05 -20.86
C THR A 211 -1.80 8.86 -21.53
N PHE A 212 -3.07 8.68 -21.22
CA PHE A 212 -3.94 7.68 -21.86
C PHE A 212 -5.08 8.46 -22.51
N ASP A 213 -5.56 7.98 -23.66
CA ASP A 213 -6.40 8.78 -24.58
C ASP A 213 -7.83 8.90 -24.00
N ASP A 214 -8.28 7.95 -23.18
CA ASP A 214 -9.67 8.02 -22.64
C ASP A 214 -9.69 7.16 -21.38
N VAL A 215 -10.81 7.16 -20.67
CA VAL A 215 -10.87 6.45 -19.35
C VAL A 215 -10.68 4.95 -19.59
N ASP A 216 -11.36 4.37 -20.57
CA ASP A 216 -11.21 2.92 -20.85
C ASP A 216 -9.75 2.58 -21.20
N LYS A 217 -9.10 3.35 -22.06
CA LYS A 217 -7.69 3.08 -22.47
C LYS A 217 -6.77 3.31 -21.28
N GLY A 218 -7.16 4.18 -20.35
CA GLY A 218 -6.40 4.35 -19.10
C GLY A 218 -6.46 3.09 -18.26
N ILE A 219 -7.63 2.49 -18.12
CA ILE A 219 -7.76 1.28 -17.28
C ILE A 219 -7.02 0.14 -17.99
N LEU A 220 -7.30 -0.09 -19.27
CA LEU A 220 -6.73 -1.25 -19.98
C LEU A 220 -5.21 -1.05 -20.12
N GLY A 221 -4.76 0.16 -20.44
CA GLY A 221 -3.32 0.42 -20.63
C GLY A 221 -2.53 0.29 -19.33
N ALA A 222 -3.09 0.77 -18.24
CA ALA A 222 -2.40 0.63 -16.93
C ALA A 222 -2.34 -0.84 -16.52
N THR A 223 -3.42 -1.58 -16.79
CA THR A 223 -3.42 -3.02 -16.47
C THR A 223 -2.31 -3.70 -17.24
N LYS A 224 -2.18 -3.38 -18.52
CA LYS A 224 -1.11 -3.98 -19.33
C LYS A 224 0.27 -3.68 -18.73
N TRP A 225 0.47 -2.45 -18.32
CA TRP A 225 1.74 -1.97 -17.77
C TRP A 225 2.04 -2.68 -16.46
N ILE A 226 1.01 -2.86 -15.61
CA ILE A 226 1.21 -3.56 -14.31
C ILE A 226 1.51 -5.05 -14.58
N LYS A 227 0.83 -5.63 -15.56
CA LYS A 227 1.06 -7.05 -15.88
C LYS A 227 2.53 -7.23 -16.33
N GLU A 228 3.00 -6.35 -17.23
CA GLU A 228 4.32 -6.49 -17.86
C GLU A 228 5.44 -6.12 -16.89
N ASN A 229 5.24 -5.12 -16.03
CA ASN A 229 6.33 -4.54 -15.19
C ASN A 229 6.37 -5.20 -13.80
N TYR A 230 5.23 -5.71 -13.31
CA TYR A 230 5.14 -6.27 -11.94
C TYR A 230 4.77 -7.75 -11.99
N ILE A 231 3.55 -8.07 -12.45
CA ILE A 231 3.04 -9.47 -12.33
C ILE A 231 4.01 -10.42 -13.04
N ASP A 232 4.39 -10.09 -14.27
CA ASP A 232 5.23 -10.98 -15.12
C ASP A 232 6.66 -11.02 -14.59
N ARG A 233 7.03 -10.14 -13.65
CA ARG A 233 8.40 -10.09 -13.08
C ARG A 233 8.40 -10.63 -11.64
N GLY A 234 7.35 -11.34 -11.23
CA GLY A 234 7.29 -12.09 -9.96
C GLY A 234 6.72 -11.28 -8.79
N ARG A 235 6.14 -10.12 -9.06
CA ARG A 235 5.47 -9.30 -8.02
C ARG A 235 3.97 -9.54 -8.19
N THR A 236 3.40 -10.52 -7.48
CA THR A 236 2.05 -11.04 -7.80
C THR A 236 1.07 -10.83 -6.65
N PHE A 237 1.48 -10.06 -5.63
CA PHE A 237 0.63 -9.63 -4.51
C PHE A 237 1.07 -8.26 -4.05
N LEU A 238 0.21 -7.59 -3.30
CA LEU A 238 0.51 -6.20 -2.85
C LEU A 238 1.71 -6.14 -1.92
N GLY A 239 1.65 -6.86 -0.82
CA GLY A 239 2.79 -7.05 0.07
C GLY A 239 3.22 -5.79 0.79
N ASN A 240 4.50 -5.70 1.06
CA ASN A 240 5.07 -4.73 2.01
C ASN A 240 6.49 -4.47 1.54
N LYS A 241 7.35 -4.05 2.45
CA LYS A 241 8.72 -3.69 1.98
C LYS A 241 9.61 -4.92 1.84
N ALA A 242 9.16 -6.09 2.29
CA ALA A 242 9.97 -7.33 2.17
C ALA A 242 9.66 -8.09 0.87
N SER A 243 8.44 -8.02 0.36
CA SER A 243 8.05 -8.80 -0.84
C SER A 243 6.75 -8.20 -1.40
N GLY A 244 6.47 -8.51 -2.65
CA GLY A 244 5.31 -7.99 -3.36
C GLY A 244 5.56 -6.69 -4.05
N MET A 245 4.49 -6.19 -4.64
CA MET A 245 4.57 -4.96 -5.47
C MET A 245 5.11 -3.79 -4.66
N ASN A 246 4.81 -3.71 -3.38
CA ASN A 246 5.18 -2.54 -2.54
C ASN A 246 6.71 -2.38 -2.52
N VAL A 247 7.48 -3.44 -2.75
CA VAL A 247 8.94 -3.28 -2.68
C VAL A 247 9.39 -2.18 -3.66
N GLU A 248 8.83 -2.19 -4.86
CA GLU A 248 9.26 -1.24 -5.94
C GLU A 248 8.21 -0.18 -6.23
N TYR A 249 6.91 -0.43 -6.03
CA TYR A 249 5.87 0.46 -6.65
C TYR A 249 5.85 1.83 -6.01
N ALA A 250 6.05 1.87 -4.69
CA ALA A 250 5.83 3.10 -3.91
C ALA A 250 6.81 3.17 -2.75
N SER A 251 7.22 4.37 -2.39
CA SER A 251 8.09 4.60 -1.21
C SER A 251 7.29 4.37 0.09
N ASP A 252 5.99 4.63 0.07
CA ASP A 252 5.10 4.47 1.24
C ASP A 252 5.20 3.01 1.67
N PRO A 253 5.65 2.74 2.90
CA PRO A 253 5.75 1.37 3.40
C PRO A 253 4.40 0.68 3.56
N TYR A 254 3.33 1.46 3.54
CA TYR A 254 1.95 0.97 3.82
C TYR A 254 1.07 1.15 2.58
N TRP A 255 1.67 1.38 1.40
CA TRP A 255 0.89 1.44 0.14
C TRP A 255 0.08 0.15 -0.02
N GLY A 256 0.74 -1.01 0.14
CA GLY A 256 0.01 -2.27 -0.07
C GLY A 256 -1.12 -2.39 0.95
N GLU A 257 -0.83 -2.08 2.21
CA GLU A 257 -1.86 -2.13 3.28
C GLU A 257 -3.05 -1.24 2.92
N LYS A 258 -2.77 -0.03 2.42
CA LYS A 258 -3.84 0.89 2.01
C LYS A 258 -4.70 0.29 0.90
N ILE A 259 -4.11 -0.30 -0.10
CA ILE A 259 -4.89 -0.91 -1.20
C ILE A 259 -5.68 -2.10 -0.65
N ALA A 260 -5.04 -2.96 0.13
CA ALA A 260 -5.73 -4.12 0.74
C ALA A 260 -6.91 -3.63 1.58
N SER A 261 -6.77 -2.52 2.25
CA SER A 261 -7.82 -1.96 3.14
C SER A 261 -9.01 -1.58 2.26
N VAL A 262 -8.76 -0.99 1.09
CA VAL A 262 -9.87 -0.59 0.19
C VAL A 262 -10.53 -1.87 -0.36
N MET A 263 -9.74 -2.90 -0.69
CA MET A 263 -10.32 -4.18 -1.15
C MET A 263 -11.21 -4.75 -0.04
N MET A 264 -10.77 -4.70 1.22
CA MET A 264 -11.53 -5.23 2.37
C MET A 264 -12.85 -4.45 2.48
N LYS A 265 -12.81 -3.12 2.33
CA LYS A 265 -14.01 -2.30 2.52
C LYS A 265 -15.00 -2.60 1.41
N ILE A 266 -14.51 -2.66 0.17
CA ILE A 266 -15.38 -2.92 -1.01
C ILE A 266 -16.00 -4.32 -0.83
N ASN A 267 -15.20 -5.30 -0.44
CA ASN A 267 -15.67 -6.70 -0.31
C ASN A 267 -16.77 -6.75 0.74
N GLU A 268 -16.59 -6.02 1.83
CA GLU A 268 -17.61 -6.02 2.90
C GLU A 268 -18.91 -5.41 2.36
N LYS A 269 -18.81 -4.29 1.64
CA LYS A 269 -20.02 -3.57 1.14
C LYS A 269 -20.75 -4.42 0.09
N LEU A 270 -20.04 -5.27 -0.64
CA LEU A 270 -20.63 -5.99 -1.77
C LEU A 270 -21.03 -7.42 -1.38
N GLY A 271 -20.88 -7.83 -0.11
CA GLY A 271 -21.45 -9.08 0.38
C GLY A 271 -20.43 -10.16 0.68
N GLY A 272 -19.11 -9.88 0.57
CA GLY A 272 -18.09 -10.84 1.04
C GLY A 272 -17.88 -12.05 0.12
N LYS A 273 -18.02 -11.88 -1.20
CA LYS A 273 -17.84 -12.96 -2.20
C LYS A 273 -16.36 -13.30 -2.40
N ASP A 274 -15.44 -12.38 -2.11
CA ASP A 274 -13.99 -12.70 -2.26
C ASP A 274 -13.38 -13.13 -0.93
#